data_7WN0
#
_entry.id   7WN0
#
_cell.length_a   1.00
_cell.length_b   1.00
_cell.length_c   1.00
_cell.angle_alpha   90.00
_cell.angle_beta   90.00
_cell.angle_gamma   90.00
#
_symmetry.space_group_name_H-M   'P 1'
#
loop_
_entity.id
_entity.type
_entity.pdbx_description
1 polymer 'Equilibrative nucleoside/nucleobase transporter'
2 polymer nanobody19
#
loop_
_entity_poly.entity_id
_entity_poly.type
_entity_poly.pdbx_seq_one_letter_code
_entity_poly.pdbx_strand_id
1 'polypeptide(L)'
;MSTGKESSKAYADIESRGDYKDDGKKGSTLSSKQHFMLSLTFILIGLSSLNVWNTALGLNINFKYNTFQITGLVCSSIVA
LFVEIPKIMLPFLLGGLSILCAGFQISHSFFTDTQFDTYCLVAFIVIGVVAGLAQTIAFNIGSTMEDNMGGYMSAGIGIS
GVFIFVINLLLDQFVSPEKHYGVNKAKLLALYIICELCLILAIVFCVCNLDLTNKNNKKDEENKENNATLSYMELFKDSY
KAILTMFLVNWLTLQLFPGVGHKKWQESHNISDYNVTIIVGMFQVFDFLSRYPPNLTHIKIFKNFTFSLNKLLVANSLRL
LFIPWFILNACVDHPFFKNIVQQCVCMAMLAFTNGWFNTVPFLVFVKELKKAKKKKEIEIISTFLVIAMFVGLFCGIWTT
YIYNLFNIVLPKPDLPPIDVTQ
;
A
2 'polypeptide(L)'
;QLQLVESGGGLVQAGGSLRLSCAASGSTSNINVMGWYRQAPGKQRELVATISSGDALNYANSVEGRFTISRDAAKNTVYL
QMNSLKPEDSAVYICNAYVVSSYGYRASWNDYWGQGTQVTVSS
;
B
#
# COMPACT_ATOMS: atom_id res chain seq x y z
N LEU A 30 -16.88 2.91 -21.64
CA LEU A 30 -16.14 1.87 -20.93
C LEU A 30 -17.07 0.77 -20.48
N SER A 31 -17.20 -0.27 -21.29
CA SER A 31 -18.07 -1.40 -20.98
C SER A 31 -17.34 -2.38 -20.06
N SER A 32 -17.92 -3.56 -19.87
CA SER A 32 -17.36 -4.51 -18.91
C SER A 32 -16.06 -5.13 -19.42
N LYS A 33 -15.95 -5.35 -20.73
CA LYS A 33 -14.79 -6.04 -21.27
C LYS A 33 -13.52 -5.21 -21.09
N GLN A 34 -13.56 -3.93 -21.49
CA GLN A 34 -12.39 -3.08 -21.34
C GLN A 34 -12.04 -2.84 -19.87
N HIS A 35 -13.06 -2.70 -19.02
CA HIS A 35 -12.79 -2.56 -17.58
C HIS A 35 -12.12 -3.80 -17.02
N PHE A 36 -12.59 -4.98 -17.42
CA PHE A 36 -11.95 -6.21 -16.96
C PHE A 36 -10.52 -6.31 -17.46
N MET A 37 -10.29 -5.94 -18.72
CA MET A 37 -8.93 -5.98 -19.26
C MET A 37 -8.02 -5.01 -18.51
N LEU A 38 -8.51 -3.81 -18.19
CA LEU A 38 -7.72 -2.85 -17.45
C LEU A 38 -7.40 -3.34 -16.05
N SER A 39 -8.39 -3.92 -15.36
CA SER A 39 -8.13 -4.49 -14.05
C SER A 39 -7.10 -5.61 -14.13
N LEU A 40 -7.21 -6.47 -15.15
CA LEU A 40 -6.27 -7.56 -15.31
C LEU A 40 -4.86 -7.05 -15.56
N THR A 41 -4.70 -6.04 -16.42
CA THR A 41 -3.36 -5.57 -16.73
C THR A 41 -2.74 -4.84 -15.53
N PHE A 42 -3.57 -4.17 -14.73
CA PHE A 42 -3.02 -3.54 -13.53
C PHE A 42 -2.60 -4.59 -12.50
N ILE A 43 -3.44 -5.59 -12.27
CA ILE A 43 -3.07 -6.69 -11.37
C ILE A 43 -1.78 -7.33 -11.85
N LEU A 44 -1.65 -7.52 -13.16
CA LEU A 44 -0.49 -8.17 -13.74
C LEU A 44 0.76 -7.30 -13.64
N ILE A 45 0.61 -5.98 -13.78
CA ILE A 45 1.75 -5.08 -13.61
C ILE A 45 2.28 -5.18 -12.18
N GLY A 46 1.37 -5.14 -11.20
CA GLY A 46 1.81 -5.28 -9.82
C GLY A 46 2.44 -6.62 -9.55
N LEU A 47 1.85 -7.69 -10.07
CA LEU A 47 2.38 -9.03 -9.87
C LEU A 47 3.78 -9.16 -10.44
N SER A 48 3.99 -8.69 -11.67
CA SER A 48 5.29 -8.78 -12.30
C SER A 48 6.30 -7.84 -11.69
N SER A 49 5.85 -6.75 -11.06
CA SER A 49 6.78 -5.88 -10.35
C SER A 49 7.29 -6.55 -9.08
N LEU A 50 6.41 -7.19 -8.32
CA LEU A 50 6.84 -7.83 -7.07
C LEU A 50 7.37 -9.25 -7.26
N ASN A 51 7.28 -9.80 -8.47
CA ASN A 51 7.80 -11.15 -8.70
C ASN A 51 9.28 -11.25 -8.38
N VAL A 52 10.06 -10.23 -8.75
CA VAL A 52 11.51 -10.30 -8.55
C VAL A 52 11.84 -10.33 -7.07
N TRP A 53 11.21 -9.45 -6.28
CA TRP A 53 11.47 -9.45 -4.84
C TRP A 53 11.02 -10.76 -4.21
N ASN A 54 9.84 -11.27 -4.62
CA ASN A 54 9.36 -12.52 -4.03
C ASN A 54 10.27 -13.68 -4.34
N THR A 55 10.79 -13.76 -5.58
CA THR A 55 11.67 -14.87 -5.92
C THR A 55 13.07 -14.69 -5.33
N ALA A 56 13.50 -13.45 -5.10
CA ALA A 56 14.75 -13.24 -4.38
C ALA A 56 14.62 -13.72 -2.94
N LEU A 57 13.46 -13.47 -2.31
CA LEU A 57 13.21 -14.02 -0.98
C LEU A 57 13.15 -15.54 -1.00
N GLY A 58 12.47 -16.10 -2.00
CA GLY A 58 12.28 -17.55 -2.02
C GLY A 58 13.57 -18.32 -2.28
N LEU A 59 14.44 -17.78 -3.14
CA LEU A 59 15.64 -18.50 -3.55
C LEU A 59 16.72 -18.52 -2.48
N ASN A 60 16.45 -17.95 -1.29
CA ASN A 60 17.45 -17.87 -0.23
C ASN A 60 18.71 -17.16 -0.70
N ILE A 61 18.52 -16.06 -1.44
CA ILE A 61 19.66 -15.28 -1.90
C ILE A 61 20.39 -14.67 -0.71
N ASN A 62 21.64 -14.27 -0.94
CA ASN A 62 22.45 -13.71 0.14
C ASN A 62 21.81 -12.42 0.67
N PHE A 63 22.00 -12.19 1.97
CA PHE A 63 21.30 -11.11 2.65
C PHE A 63 21.68 -9.74 2.11
N LYS A 64 22.97 -9.54 1.81
CA LYS A 64 23.40 -8.23 1.33
C LYS A 64 22.73 -7.87 0.01
N TYR A 65 22.39 -8.87 -0.79
CA TYR A 65 21.62 -8.60 -2.02
C TYR A 65 20.24 -8.05 -1.69
N ASN A 66 19.58 -8.63 -0.67
CA ASN A 66 18.29 -8.10 -0.25
C ASN A 66 18.41 -6.67 0.27
N THR A 67 19.48 -6.39 1.04
CA THR A 67 19.68 -5.04 1.53
C THR A 67 19.87 -4.06 0.38
N PHE A 68 20.67 -4.45 -0.62
CA PHE A 68 20.87 -3.58 -1.78
C PHE A 68 19.58 -3.35 -2.54
N GLN A 69 18.78 -4.41 -2.72
CA GLN A 69 17.51 -4.27 -3.42
C GLN A 69 16.58 -3.31 -2.69
N ILE A 70 16.48 -3.47 -1.36
CA ILE A 70 15.60 -2.60 -0.60
C ILE A 70 16.09 -1.15 -0.64
N THR A 71 17.41 -0.94 -0.54
CA THR A 71 17.96 0.40 -0.60
C THR A 71 17.63 1.06 -1.95
N GLY A 72 17.85 0.33 -3.04
CA GLY A 72 17.52 0.88 -4.34
C GLY A 72 16.04 1.18 -4.49
N LEU A 73 15.19 0.27 -4.02
CA LEU A 73 13.75 0.47 -4.14
C LEU A 73 13.30 1.71 -3.37
N VAL A 74 13.75 1.86 -2.13
CA VAL A 74 13.31 2.99 -1.32
C VAL A 74 13.85 4.29 -1.89
N CYS A 75 15.11 4.30 -2.34
CA CYS A 75 15.67 5.52 -2.90
C CYS A 75 14.91 5.94 -4.16
N SER A 76 14.64 4.98 -5.04
CA SER A 76 13.92 5.32 -6.27
C SER A 76 12.50 5.79 -5.97
N SER A 77 11.81 5.14 -5.03
CA SER A 77 10.46 5.54 -4.72
C SER A 77 10.42 6.95 -4.12
N ILE A 78 11.33 7.24 -3.19
CA ILE A 78 11.36 8.58 -2.59
C ILE A 78 11.67 9.62 -3.64
N VAL A 79 12.62 9.34 -4.54
CA VAL A 79 12.96 10.31 -5.58
C VAL A 79 11.78 10.52 -6.53
N ALA A 80 11.11 9.43 -6.93
CA ALA A 80 10.04 9.53 -7.91
C ALA A 80 8.77 10.12 -7.33
N LEU A 81 8.61 10.10 -6.01
CA LEU A 81 7.42 10.72 -5.42
C LEU A 81 7.38 12.22 -5.70
N PHE A 82 8.52 12.88 -5.65
CA PHE A 82 8.58 14.34 -5.83
C PHE A 82 8.70 14.76 -7.29
N VAL A 83 9.13 13.87 -8.18
CA VAL A 83 9.42 14.22 -9.57
C VAL A 83 8.43 13.50 -10.47
N GLU A 84 7.75 14.26 -11.33
CA GLU A 84 6.79 13.71 -12.28
C GLU A 84 7.55 13.12 -13.46
N ILE A 85 8.03 11.89 -13.25
CA ILE A 85 8.80 11.17 -14.27
C ILE A 85 7.88 10.84 -15.44
N PRO A 86 8.40 10.77 -16.67
CA PRO A 86 7.53 10.48 -17.82
C PRO A 86 6.86 9.12 -17.67
N LYS A 87 5.61 9.05 -18.09
CA LYS A 87 4.80 7.84 -17.98
C LYS A 87 4.93 6.93 -19.20
N ILE A 88 5.69 7.35 -20.22
CA ILE A 88 5.92 6.50 -21.38
C ILE A 88 7.00 5.47 -21.06
N MET A 89 7.92 5.79 -20.14
CA MET A 89 9.09 4.96 -19.92
C MET A 89 8.79 3.65 -19.19
N LEU A 90 7.57 3.44 -18.72
CA LEU A 90 7.26 2.23 -17.95
C LEU A 90 7.56 0.95 -18.72
N PRO A 91 7.11 0.77 -19.97
CA PRO A 91 7.50 -0.45 -20.70
C PRO A 91 9.01 -0.59 -20.86
N PHE A 92 9.72 0.52 -21.03
CA PHE A 92 11.17 0.45 -21.21
C PHE A 92 11.85 -0.10 -19.97
N LEU A 93 11.44 0.36 -18.78
CA LEU A 93 12.07 -0.15 -17.57
C LEU A 93 11.58 -1.56 -17.24
N LEU A 94 10.36 -1.93 -17.64
CA LEU A 94 9.96 -3.33 -17.49
C LEU A 94 10.83 -4.24 -18.37
N GLY A 95 11.12 -3.80 -19.59
CA GLY A 95 12.04 -4.55 -20.43
C GLY A 95 13.44 -4.60 -19.86
N GLY A 96 13.87 -3.50 -19.24
CA GLY A 96 15.15 -3.51 -18.54
C GLY A 96 15.17 -4.53 -17.40
N LEU A 97 14.05 -4.64 -16.67
CA LEU A 97 13.94 -5.66 -15.64
C LEU A 97 14.05 -7.06 -16.23
N SER A 98 13.40 -7.28 -17.38
CA SER A 98 13.47 -8.59 -18.03
C SER A 98 14.89 -8.93 -18.46
N ILE A 99 15.58 -7.97 -19.08
CA ILE A 99 16.95 -8.25 -19.51
C ILE A 99 17.88 -8.39 -18.31
N LEU A 100 17.57 -7.73 -17.19
CA LEU A 100 18.33 -7.95 -15.97
C LEU A 100 18.16 -9.37 -15.46
N CYS A 101 16.93 -9.90 -15.53
CA CYS A 101 16.71 -11.30 -15.15
C CYS A 101 17.48 -12.24 -16.08
N ALA A 102 17.51 -11.92 -17.38
CA ALA A 102 18.28 -12.72 -18.32
C ALA A 102 19.77 -12.69 -17.96
N GLY A 103 20.28 -11.51 -17.59
CA GLY A 103 21.65 -11.42 -17.14
C GLY A 103 21.90 -12.22 -15.88
N PHE A 104 20.92 -12.23 -14.97
CA PHE A 104 21.03 -13.08 -13.77
C PHE A 104 21.20 -14.54 -14.14
N GLN A 105 20.36 -15.02 -15.08
CA GLN A 105 20.47 -16.40 -15.53
C GLN A 105 21.84 -16.67 -16.14
N ILE A 106 22.29 -15.78 -17.03
CA ILE A 106 23.55 -16.04 -17.72
C ILE A 106 24.74 -15.95 -16.77
N SER A 107 24.63 -15.13 -15.72
CA SER A 107 25.70 -15.03 -14.73
C SER A 107 25.75 -16.27 -13.85
N HIS A 108 24.59 -16.75 -13.42
CA HIS A 108 24.57 -18.01 -12.68
C HIS A 108 25.04 -19.17 -13.55
N SER A 109 24.92 -19.03 -14.87
CA SER A 109 25.32 -20.12 -15.76
C SER A 109 26.83 -20.12 -16.01
N PHE A 110 27.37 -19.05 -16.61
CA PHE A 110 28.74 -19.08 -17.13
C PHE A 110 29.63 -17.99 -16.55
N PHE A 111 29.37 -17.55 -15.32
CA PHE A 111 30.24 -16.58 -14.66
C PHE A 111 30.85 -17.18 -13.41
N THR A 112 32.07 -16.77 -13.09
CA THR A 112 32.73 -17.23 -11.89
C THR A 112 32.22 -16.48 -10.68
N ASP A 113 32.69 -16.91 -9.49
CA ASP A 113 32.06 -16.47 -8.24
C ASP A 113 32.19 -14.96 -8.04
N THR A 114 33.39 -14.41 -8.29
CA THR A 114 33.61 -12.98 -8.02
C THR A 114 32.79 -12.11 -8.97
N GLN A 115 32.85 -12.40 -10.27
CA GLN A 115 32.05 -11.64 -11.22
C GLN A 115 30.57 -11.86 -11.00
N PHE A 116 30.16 -13.06 -10.61
CA PHE A 116 28.75 -13.30 -10.29
C PHE A 116 28.31 -12.44 -9.13
N ASP A 117 29.13 -12.35 -8.09
CA ASP A 117 28.77 -11.52 -6.94
C ASP A 117 28.67 -10.05 -7.33
N THR A 118 29.67 -9.54 -8.05
CA THR A 118 29.66 -8.14 -8.44
C THR A 118 28.45 -7.81 -9.31
N TYR A 119 28.24 -8.62 -10.35
CA TYR A 119 27.05 -8.45 -11.18
C TYR A 119 25.80 -8.47 -10.31
N CYS A 120 25.56 -9.59 -9.63
CA CYS A 120 24.32 -9.76 -8.88
C CYS A 120 24.04 -8.58 -7.95
N LEU A 121 25.08 -8.03 -7.32
CA LEU A 121 24.83 -6.89 -6.43
C LEU A 121 24.44 -5.64 -7.22
N VAL A 122 25.17 -5.31 -8.30
CA VAL A 122 24.81 -4.10 -9.04
C VAL A 122 23.47 -4.27 -9.74
N ALA A 123 23.20 -5.48 -10.23
CA ALA A 123 21.92 -5.78 -10.85
C ALA A 123 20.79 -5.69 -9.84
N PHE A 124 21.02 -6.09 -8.59
CA PHE A 124 19.98 -5.98 -7.58
C PHE A 124 19.72 -4.52 -7.23
N ILE A 125 20.77 -3.70 -7.19
CA ILE A 125 20.56 -2.28 -6.93
C ILE A 125 19.70 -1.66 -8.04
N VAL A 126 20.08 -1.90 -9.30
CA VAL A 126 19.31 -1.31 -10.39
C VAL A 126 17.93 -1.93 -10.49
N ILE A 127 17.78 -3.20 -10.08
CA ILE A 127 16.47 -3.85 -10.06
C ILE A 127 15.57 -3.18 -9.05
N GLY A 128 16.09 -2.89 -7.86
CA GLY A 128 15.29 -2.16 -6.88
C GLY A 128 14.88 -0.80 -7.38
N VAL A 129 15.81 -0.08 -8.01
CA VAL A 129 15.49 1.25 -8.54
C VAL A 129 14.39 1.15 -9.60
N VAL A 130 14.52 0.20 -10.53
CA VAL A 130 13.56 0.06 -11.61
C VAL A 130 12.20 -0.39 -11.07
N ALA A 131 12.18 -1.31 -10.10
CA ALA A 131 10.92 -1.75 -9.53
C ALA A 131 10.20 -0.61 -8.80
N GLY A 132 10.95 0.21 -8.07
CA GLY A 132 10.34 1.37 -7.43
C GLY A 132 9.76 2.34 -8.44
N LEU A 133 10.50 2.61 -9.52
CA LEU A 133 10.00 3.51 -10.56
C LEU A 133 8.75 2.93 -11.21
N ALA A 134 8.74 1.62 -11.48
CA ALA A 134 7.57 0.99 -12.09
C ALA A 134 6.36 1.08 -11.17
N GLN A 135 6.56 0.82 -9.87
CA GLN A 135 5.45 0.93 -8.93
C GLN A 135 4.89 2.34 -8.89
N THR A 136 5.79 3.34 -8.84
CA THR A 136 5.33 4.73 -8.80
C THR A 136 4.55 5.08 -10.07
N ILE A 137 5.05 4.69 -11.24
CA ILE A 137 4.39 5.02 -12.49
C ILE A 137 3.03 4.34 -12.57
N ALA A 138 2.96 3.06 -12.19
CA ALA A 138 1.69 2.35 -12.25
C ALA A 138 0.67 2.94 -11.29
N PHE A 139 1.10 3.30 -10.09
CA PHE A 139 0.17 3.90 -9.14
C PHE A 139 -0.31 5.27 -9.62
N ASN A 140 0.59 6.06 -10.22
CA ASN A 140 0.19 7.35 -10.77
C ASN A 140 -0.81 7.17 -11.91
N ILE A 141 -0.60 6.16 -12.75
CA ILE A 141 -1.55 5.89 -13.82
C ILE A 141 -2.90 5.50 -13.24
N GLY A 142 -2.90 4.65 -12.22
CA GLY A 142 -4.15 4.23 -11.61
C GLY A 142 -4.90 5.36 -10.94
N SER A 143 -4.16 6.29 -10.33
CA SER A 143 -4.81 7.38 -9.61
C SER A 143 -5.51 8.35 -10.55
N THR A 144 -4.83 8.77 -11.63
CA THR A 144 -5.38 9.77 -12.54
C THR A 144 -6.26 9.11 -13.61
N MET A 145 -7.28 8.41 -13.12
CA MET A 145 -8.30 7.84 -13.99
C MET A 145 -9.48 7.42 -13.12
N GLU A 146 -10.66 7.38 -13.75
CA GLU A 146 -11.86 6.96 -13.04
C GLU A 146 -11.80 5.48 -12.70
N ASP A 147 -12.53 5.10 -11.66
CA ASP A 147 -12.55 3.72 -11.17
C ASP A 147 -11.14 3.23 -10.86
N ASN A 148 -10.55 3.85 -9.84
CA ASN A 148 -9.12 3.66 -9.55
C ASN A 148 -8.76 2.18 -9.48
N MET A 149 -7.52 1.89 -9.85
CA MET A 149 -6.98 0.53 -9.85
C MET A 149 -5.91 0.32 -8.80
N GLY A 150 -5.79 1.21 -7.82
CA GLY A 150 -4.84 1.00 -6.75
C GLY A 150 -5.10 -0.28 -5.99
N GLY A 151 -6.38 -0.56 -5.71
CA GLY A 151 -6.74 -1.83 -5.10
C GLY A 151 -6.35 -3.01 -5.96
N TYR A 152 -6.56 -2.90 -7.28
CA TYR A 152 -6.18 -3.98 -8.18
C TYR A 152 -4.67 -4.18 -8.20
N MET A 153 -3.89 -3.09 -8.18
CA MET A 153 -2.43 -3.23 -8.17
C MET A 153 -1.96 -3.87 -6.86
N SER A 154 -2.55 -3.47 -5.73
CA SER A 154 -2.18 -4.07 -4.46
C SER A 154 -2.53 -5.56 -4.43
N ALA A 155 -3.71 -5.90 -4.96
CA ALA A 155 -4.08 -7.31 -5.07
C ALA A 155 -3.12 -8.05 -5.98
N GLY A 156 -2.63 -7.39 -7.03
CA GLY A 156 -1.64 -8.01 -7.90
C GLY A 156 -0.34 -8.28 -7.18
N ILE A 157 0.10 -7.36 -6.33
CA ILE A 157 1.31 -7.58 -5.54
C ILE A 157 1.13 -8.76 -4.59
N GLY A 158 -0.01 -8.81 -3.90
CA GLY A 158 -0.26 -9.92 -3.00
C GLY A 158 -0.34 -11.25 -3.74
N ILE A 159 -1.00 -11.27 -4.90
CA ILE A 159 -1.06 -12.49 -5.69
C ILE A 159 0.31 -12.85 -6.22
N SER A 160 1.18 -11.86 -6.44
CA SER A 160 2.57 -12.17 -6.81
C SER A 160 3.25 -12.94 -5.69
N GLY A 161 3.10 -12.47 -4.46
CA GLY A 161 3.69 -13.20 -3.34
C GLY A 161 3.15 -14.61 -3.23
N VAL A 162 1.82 -14.74 -3.31
CA VAL A 162 1.19 -16.06 -3.19
C VAL A 162 1.63 -16.97 -4.33
N PHE A 163 1.68 -16.44 -5.55
CA PHE A 163 2.05 -17.22 -6.72
C PHE A 163 3.50 -17.69 -6.65
N ILE A 164 4.41 -16.81 -6.23
CA ILE A 164 5.79 -17.22 -6.08
C ILE A 164 5.91 -18.32 -5.03
N PHE A 165 5.22 -18.17 -3.91
CA PHE A 165 5.26 -19.23 -2.88
C PHE A 165 4.71 -20.54 -3.43
N VAL A 166 3.60 -20.48 -4.16
CA VAL A 166 2.97 -21.71 -4.66
C VAL A 166 3.87 -22.40 -5.67
N ILE A 167 4.44 -21.65 -6.61
CA ILE A 167 5.28 -22.28 -7.61
C ILE A 167 6.58 -22.78 -7.00
N ASN A 168 7.10 -22.10 -5.97
CA ASN A 168 8.27 -22.62 -5.27
C ASN A 168 7.97 -23.93 -4.57
N LEU A 169 6.81 -24.01 -3.92
CA LEU A 169 6.42 -25.26 -3.26
C LEU A 169 6.23 -26.37 -4.28
N LEU A 170 5.61 -26.08 -5.41
CA LEU A 170 5.44 -27.07 -6.46
C LEU A 170 6.79 -27.51 -7.01
N LEU A 171 7.74 -26.59 -7.13
CA LEU A 171 9.02 -26.86 -7.75
C LEU A 171 10.01 -27.54 -6.82
N ASP A 172 9.76 -27.50 -5.50
CA ASP A 172 10.73 -28.06 -4.55
C ASP A 172 10.96 -29.55 -4.78
N GLN A 173 9.88 -30.32 -4.97
CA GLN A 173 10.01 -31.77 -5.07
C GLN A 173 10.32 -32.26 -6.48
N PHE A 174 10.46 -31.36 -7.46
CA PHE A 174 10.78 -31.75 -8.83
C PHE A 174 12.13 -31.21 -9.28
N VAL A 175 12.97 -30.76 -8.35
CA VAL A 175 14.28 -30.19 -8.68
C VAL A 175 15.31 -30.75 -7.71
N SER A 176 16.44 -31.22 -8.27
CA SER A 176 17.55 -31.68 -7.44
C SER A 176 18.29 -30.48 -6.84
N PRO A 177 18.60 -30.52 -5.55
CA PRO A 177 19.30 -29.40 -4.89
C PRO A 177 20.81 -29.44 -5.04
N GLU A 178 21.28 -29.00 -6.21
CA GLU A 178 22.72 -29.05 -6.49
C GLU A 178 23.47 -27.97 -5.73
N LYS A 179 22.87 -26.80 -5.53
CA LYS A 179 23.43 -25.72 -4.73
C LYS A 179 24.80 -25.27 -5.29
N HIS A 180 24.74 -24.69 -6.48
CA HIS A 180 25.96 -24.24 -7.16
C HIS A 180 26.68 -23.16 -6.38
N TYR A 181 26.06 -21.99 -6.24
CA TYR A 181 26.64 -20.85 -5.53
C TYR A 181 25.80 -20.47 -4.33
N GLY A 182 25.31 -21.47 -3.61
CA GLY A 182 24.36 -21.25 -2.54
C GLY A 182 22.94 -21.11 -2.99
N VAL A 183 22.68 -21.15 -4.31
CA VAL A 183 21.34 -21.04 -4.88
C VAL A 183 21.15 -22.22 -5.82
N ASN A 184 20.00 -22.88 -5.73
CA ASN A 184 19.71 -23.99 -6.62
C ASN A 184 19.69 -23.52 -8.07
N LYS A 185 20.49 -24.18 -8.92
CA LYS A 185 20.56 -23.78 -10.32
C LYS A 185 19.22 -23.97 -11.01
N ALA A 186 18.64 -25.17 -10.90
CA ALA A 186 17.39 -25.45 -11.60
C ALA A 186 16.26 -24.58 -11.08
N LYS A 187 16.17 -24.41 -9.76
CA LYS A 187 15.12 -23.56 -9.19
C LYS A 187 15.29 -22.12 -9.64
N LEU A 188 16.53 -21.61 -9.64
CA LEU A 188 16.77 -20.24 -10.09
C LEU A 188 16.36 -20.07 -11.55
N LEU A 189 16.77 -21.00 -12.40
CA LEU A 189 16.43 -20.92 -13.81
C LEU A 189 14.92 -20.94 -14.02
N ALA A 190 14.22 -21.86 -13.34
CA ALA A 190 12.78 -21.98 -13.53
C ALA A 190 12.05 -20.75 -13.02
N LEU A 191 12.39 -20.29 -11.80
CA LEU A 191 11.71 -19.12 -11.25
C LEU A 191 11.97 -17.89 -12.11
N TYR A 192 13.19 -17.73 -12.60
CA TYR A 192 13.49 -16.53 -13.38
C TYR A 192 12.92 -16.59 -14.78
N ILE A 193 12.80 -17.77 -15.40
CA ILE A 193 12.11 -17.81 -16.69
C ILE A 193 10.62 -17.57 -16.50
N ILE A 194 10.04 -18.04 -15.38
CA ILE A 194 8.65 -17.71 -15.09
C ILE A 194 8.49 -16.20 -14.94
N CYS A 195 9.39 -15.58 -14.19
CA CYS A 195 9.34 -14.13 -14.01
C CYS A 195 9.50 -13.40 -15.34
N GLU A 196 10.38 -13.90 -16.21
CA GLU A 196 10.60 -13.27 -17.51
C GLU A 196 9.36 -13.36 -18.40
N LEU A 197 8.74 -14.53 -18.47
CA LEU A 197 7.54 -14.66 -19.29
C LEU A 197 6.41 -13.81 -18.73
N CYS A 198 6.27 -13.74 -17.41
CA CYS A 198 5.27 -12.86 -16.83
C CYS A 198 5.58 -11.41 -17.16
N LEU A 199 6.85 -11.02 -17.12
CA LEU A 199 7.23 -9.64 -17.43
C LEU A 199 6.92 -9.29 -18.89
N ILE A 200 7.24 -10.18 -19.83
CA ILE A 200 6.99 -9.86 -21.22
C ILE A 200 5.49 -9.84 -21.53
N LEU A 201 4.73 -10.75 -20.92
CA LEU A 201 3.28 -10.73 -21.17
C LEU A 201 2.62 -9.53 -20.49
N ALA A 202 3.15 -9.08 -19.35
CA ALA A 202 2.72 -7.82 -18.79
C ALA A 202 3.09 -6.65 -19.68
N ILE A 203 4.25 -6.74 -20.35
CA ILE A 203 4.64 -5.70 -21.30
C ILE A 203 3.62 -5.61 -22.43
N VAL A 204 3.22 -6.75 -22.99
CA VAL A 204 2.27 -6.71 -24.09
C VAL A 204 0.89 -6.24 -23.61
N PHE A 205 0.50 -6.64 -22.39
CA PHE A 205 -0.78 -6.17 -21.85
C PHE A 205 -0.77 -4.66 -21.64
N CYS A 206 0.32 -4.13 -21.08
CA CYS A 206 0.42 -2.69 -20.85
C CYS A 206 0.43 -1.92 -22.16
N VAL A 207 1.14 -2.41 -23.17
CA VAL A 207 1.17 -1.73 -24.45
C VAL A 207 -0.21 -1.76 -25.10
N CYS A 208 -0.88 -2.92 -25.07
CA CYS A 208 -2.18 -3.02 -25.73
C CYS A 208 -3.25 -2.22 -25.03
N ASN A 209 -3.25 -2.19 -23.70
CA ASN A 209 -4.35 -1.60 -22.94
C ASN A 209 -4.10 -0.14 -22.57
N LEU A 210 -3.01 0.14 -21.86
CA LEU A 210 -2.77 1.49 -21.36
C LEU A 210 -2.46 2.44 -22.51
N ASP A 211 -2.87 3.70 -22.34
CA ASP A 211 -2.62 4.77 -23.29
C ASP A 211 -1.47 5.62 -22.78
N LEU A 212 -0.34 5.61 -23.50
CA LEU A 212 0.86 6.30 -23.08
C LEU A 212 1.11 7.59 -23.85
N THR A 213 0.16 8.02 -24.68
CA THR A 213 0.32 9.25 -25.45
C THR A 213 0.40 10.47 -24.53
N ASN A 214 -0.67 10.76 -23.81
CA ASN A 214 -0.73 11.90 -22.91
C ASN A 214 -1.81 11.71 -21.85
N ALA A 228 -4.62 28.44 -1.09
CA ALA A 228 -4.13 28.59 0.27
C ALA A 228 -4.03 27.23 0.97
N THR A 229 -2.81 26.85 1.32
CA THR A 229 -2.54 25.57 1.98
C THR A 229 -1.64 25.80 3.18
N LEU A 230 -1.87 25.03 4.24
CA LEU A 230 -1.05 25.11 5.43
C LEU A 230 0.37 24.63 5.14
N SER A 231 1.34 25.21 5.86
CA SER A 231 2.73 24.82 5.67
C SER A 231 2.96 23.41 6.18
N TYR A 232 4.05 22.80 5.69
CA TYR A 232 4.32 21.39 5.96
C TYR A 232 4.57 21.14 7.45
N MET A 233 5.09 22.14 8.17
CA MET A 233 5.32 21.96 9.59
C MET A 233 4.02 21.73 10.34
N GLU A 234 2.97 22.49 10.00
CA GLU A 234 1.67 22.27 10.63
C GLU A 234 1.12 20.91 10.26
N LEU A 235 1.30 20.48 9.01
CA LEU A 235 0.85 19.16 8.60
C LEU A 235 1.59 18.06 9.35
N PHE A 236 2.90 18.23 9.53
CA PHE A 236 3.68 17.23 10.25
C PHE A 236 3.34 17.21 11.73
N LYS A 237 3.25 18.39 12.35
CA LYS A 237 2.96 18.45 13.77
C LYS A 237 1.54 18.02 14.11
N ASP A 238 0.67 17.89 13.12
CA ASP A 238 -0.71 17.46 13.35
C ASP A 238 -0.87 15.95 13.17
N SER A 239 -0.48 15.44 12.01
CA SER A 239 -0.53 14.00 11.75
C SER A 239 0.83 13.35 11.98
N TYR A 240 1.33 13.48 13.20
CA TYR A 240 2.62 12.89 13.55
C TYR A 240 2.48 11.46 14.08
N LYS A 241 1.36 11.14 14.72
CA LYS A 241 1.16 9.77 15.19
C LYS A 241 1.03 8.80 14.03
N ALA A 242 0.33 9.19 12.96
CA ALA A 242 0.16 8.32 11.81
C ALA A 242 1.50 8.03 11.15
N ILE A 243 2.36 9.05 11.02
CA ILE A 243 3.68 8.84 10.43
C ILE A 243 4.51 7.91 11.30
N LEU A 244 4.50 8.14 12.61
CA LEU A 244 5.31 7.34 13.52
C LEU A 244 4.80 5.89 13.58
N THR A 245 3.49 5.71 13.62
CA THR A 245 2.93 4.36 13.71
C THR A 245 3.17 3.55 12.44
N MET A 246 3.45 4.21 11.32
CA MET A 246 3.73 3.49 10.08
C MET A 246 5.21 3.21 9.89
N PHE A 247 6.08 4.11 10.35
CA PHE A 247 7.51 3.83 10.31
C PHE A 247 7.86 2.67 11.24
N LEU A 248 7.24 2.63 12.42
CA LEU A 248 7.60 1.63 13.42
C LEU A 248 7.29 0.21 12.95
N VAL A 249 6.12 0.01 12.34
CA VAL A 249 5.73 -1.34 11.93
C VAL A 249 6.65 -1.84 10.81
N ASN A 250 6.96 -0.98 9.84
CA ASN A 250 7.82 -1.39 8.74
C ASN A 250 9.29 -1.46 9.17
N TRP A 251 9.70 -0.64 10.13
CA TRP A 251 11.07 -0.71 10.63
C TRP A 251 11.33 -2.02 11.36
N LEU A 252 10.33 -2.51 12.10
CA LEU A 252 10.53 -3.72 12.89
C LEU A 252 10.35 -4.98 12.04
N THR A 253 9.38 -5.00 11.13
CA THR A 253 9.16 -6.17 10.31
C THR A 253 10.36 -6.47 9.44
N LEU A 254 10.89 -5.44 8.77
CA LEU A 254 12.09 -5.61 7.94
C LEU A 254 13.36 -5.68 8.77
N GLN A 255 13.29 -5.38 10.06
CA GLN A 255 14.44 -5.60 10.93
C GLN A 255 14.72 -7.08 11.11
N LEU A 256 13.67 -7.89 11.21
CA LEU A 256 13.79 -9.29 11.58
C LEU A 256 13.69 -10.24 10.38
N PHE A 257 12.62 -10.14 9.59
CA PHE A 257 12.36 -11.20 8.62
C PHE A 257 13.46 -11.38 7.58
N PRO A 258 14.07 -10.33 7.00
CA PRO A 258 15.14 -10.54 6.03
C PRO A 258 16.23 -11.51 6.50
N GLY A 259 16.91 -11.16 7.59
CA GLY A 259 18.12 -11.86 7.97
C GLY A 259 18.05 -12.59 9.28
N VAL A 260 17.00 -12.34 10.06
CA VAL A 260 16.77 -13.08 11.29
C VAL A 260 15.49 -13.90 11.24
N GLY A 261 14.55 -13.56 10.35
CA GLY A 261 13.30 -14.30 10.26
C GLY A 261 13.53 -15.75 9.87
N HIS A 262 14.35 -15.98 8.85
CA HIS A 262 14.71 -17.34 8.48
C HIS A 262 16.18 -17.54 8.15
N LYS A 263 16.97 -16.49 7.99
CA LYS A 263 18.38 -16.67 7.67
C LYS A 263 19.16 -17.20 8.86
N LYS A 264 18.95 -16.61 10.04
CA LYS A 264 19.68 -17.05 11.23
C LYS A 264 19.12 -18.34 11.81
N TRP A 265 17.83 -18.60 11.63
CA TRP A 265 17.26 -19.86 12.10
C TRP A 265 17.90 -21.05 11.38
N GLN A 266 18.06 -20.94 10.06
CA GLN A 266 18.57 -22.07 9.28
C GLN A 266 20.07 -22.27 9.45
N GLU A 267 20.82 -21.19 9.72
CA GLU A 267 22.26 -21.34 9.91
C GLU A 267 22.62 -21.71 11.33
N SER A 268 21.66 -21.66 12.26
CA SER A 268 21.89 -22.06 13.64
C SER A 268 21.20 -23.37 14.00
N HIS A 269 20.25 -23.82 13.19
CA HIS A 269 19.58 -25.10 13.42
C HIS A 269 19.67 -26.05 12.24
N ASN A 270 20.39 -25.66 11.18
CA ASN A 270 20.56 -26.49 9.98
C ASN A 270 19.21 -26.89 9.39
N ILE A 271 18.34 -25.89 9.23
CA ILE A 271 17.03 -26.14 8.63
C ILE A 271 17.20 -26.57 7.18
N SER A 272 16.47 -27.61 6.79
CA SER A 272 16.53 -28.08 5.42
C SER A 272 15.97 -27.03 4.46
N ASP A 273 16.46 -27.08 3.22
CA ASP A 273 15.98 -26.13 2.22
C ASP A 273 14.49 -26.33 1.94
N TYR A 274 14.00 -27.56 2.05
CA TYR A 274 12.57 -27.80 1.86
C TYR A 274 11.75 -27.05 2.90
N ASN A 275 12.20 -27.07 4.16
CA ASN A 275 11.46 -26.42 5.23
C ASN A 275 11.62 -24.90 5.20
N VAL A 276 12.73 -24.39 4.67
CA VAL A 276 12.93 -22.95 4.59
C VAL A 276 11.90 -22.33 3.66
N THR A 277 11.63 -22.97 2.53
CA THR A 277 10.67 -22.43 1.57
C THR A 277 9.30 -22.25 2.22
N ILE A 278 8.88 -23.21 3.04
CA ILE A 278 7.63 -23.07 3.78
C ILE A 278 7.73 -21.90 4.76
N ILE A 279 8.87 -21.78 5.45
CA ILE A 279 9.02 -20.74 6.46
C ILE A 279 8.98 -19.36 5.83
N VAL A 280 9.80 -19.13 4.79
CA VAL A 280 9.83 -17.82 4.16
C VAL A 280 8.59 -17.61 3.31
N GLY A 281 8.06 -18.68 2.70
CA GLY A 281 6.94 -18.54 1.80
C GLY A 281 5.61 -18.31 2.49
N MET A 282 5.53 -18.60 3.78
CA MET A 282 4.29 -18.32 4.51
C MET A 282 4.29 -16.94 5.13
N PHE A 283 5.42 -16.23 5.14
CA PHE A 283 5.39 -14.82 5.46
C PHE A 283 4.70 -14.02 4.36
N GLN A 284 4.90 -14.43 3.11
CA GLN A 284 4.38 -13.69 1.97
C GLN A 284 2.97 -14.12 1.56
N VAL A 285 2.39 -15.10 2.22
CA VAL A 285 0.99 -15.46 2.00
C VAL A 285 0.08 -14.92 3.09
N PHE A 286 0.61 -14.78 4.31
CA PHE A 286 -0.18 -14.20 5.39
C PHE A 286 -0.06 -12.68 5.43
N ASP A 287 1.04 -12.13 4.92
CA ASP A 287 1.16 -10.68 4.83
C ASP A 287 0.13 -10.12 3.85
N PHE A 288 -0.07 -10.78 2.72
CA PHE A 288 -1.08 -10.34 1.76
C PHE A 288 -2.48 -10.55 2.31
N LEU A 289 -2.73 -11.69 2.97
CA LEU A 289 -4.05 -11.97 3.52
C LEU A 289 -4.41 -11.06 4.68
N SER A 290 -3.43 -10.42 5.31
CA SER A 290 -3.68 -9.61 6.49
C SER A 290 -4.10 -8.19 6.18
N ARG A 291 -3.99 -7.76 4.93
CA ARG A 291 -4.35 -6.40 4.56
C ARG A 291 -5.81 -6.27 4.17
N TYR A 292 -6.53 -7.38 4.03
CA TYR A 292 -7.94 -7.36 3.69
C TYR A 292 -8.86 -7.12 4.90
N PRO A 293 -8.67 -7.81 6.04
CA PRO A 293 -9.66 -7.68 7.13
C PRO A 293 -9.88 -6.24 7.56
N PRO A 294 -8.85 -5.37 7.57
CA PRO A 294 -9.14 -3.95 7.80
C PRO A 294 -10.11 -3.35 6.80
N ASN A 295 -10.10 -3.83 5.55
CA ASN A 295 -10.97 -3.24 4.53
C ASN A 295 -12.41 -3.67 4.72
N LEU A 296 -12.66 -4.93 5.05
CA LEU A 296 -14.02 -5.42 5.29
C LEU A 296 -14.40 -5.23 6.77
N THR A 297 -14.43 -3.96 7.18
CA THR A 297 -14.80 -3.62 8.54
C THR A 297 -16.30 -3.71 8.79
N HIS A 298 -17.11 -3.66 7.74
CA HIS A 298 -18.56 -3.69 7.92
C HIS A 298 -19.03 -5.04 8.47
N ILE A 299 -18.29 -6.11 8.21
CA ILE A 299 -18.64 -7.42 8.75
C ILE A 299 -18.46 -7.39 10.27
N LYS A 300 -19.27 -8.19 10.96
CA LYS A 300 -19.24 -8.20 12.43
C LYS A 300 -17.91 -8.68 12.96
N ILE A 301 -17.33 -9.70 12.31
CA ILE A 301 -16.10 -10.30 12.83
C ILE A 301 -14.93 -9.32 12.77
N PHE A 302 -14.85 -8.52 11.70
CA PHE A 302 -13.77 -7.58 11.51
C PHE A 302 -14.14 -6.16 11.97
N LYS A 303 -15.03 -6.04 12.95
CA LYS A 303 -15.44 -4.72 13.40
C LYS A 303 -14.33 -4.02 14.17
N ASN A 304 -13.50 -4.76 14.88
CA ASN A 304 -12.47 -4.19 15.74
C ASN A 304 -11.09 -4.21 15.10
N PHE A 305 -10.98 -4.50 13.81
CA PHE A 305 -9.67 -4.57 13.17
C PHE A 305 -9.07 -3.20 12.92
N THR A 306 -9.89 -2.20 12.61
CA THR A 306 -9.45 -0.81 12.54
C THR A 306 -9.99 -0.10 13.78
N PHE A 307 -9.10 0.27 14.70
CA PHE A 307 -9.49 0.71 16.02
C PHE A 307 -9.20 2.19 16.27
N SER A 308 -7.94 2.61 16.20
CA SER A 308 -7.56 3.98 16.52
C SER A 308 -6.09 4.21 16.22
N LEU A 309 -5.62 5.44 16.42
CA LEU A 309 -4.20 5.73 16.31
C LEU A 309 -3.49 5.60 17.65
N ASN A 310 -4.12 6.05 18.73
CA ASN A 310 -3.53 5.92 20.05
C ASN A 310 -3.31 4.46 20.42
N LYS A 311 -4.29 3.61 20.12
CA LYS A 311 -4.13 2.18 20.36
C LYS A 311 -3.14 1.54 19.41
N LEU A 312 -2.77 2.21 18.32
CA LEU A 312 -1.79 1.64 17.40
C LEU A 312 -0.38 1.75 17.95
N LEU A 313 -0.06 2.86 18.63
CA LEU A 313 1.27 2.99 19.23
C LEU A 313 1.50 1.92 20.30
N VAL A 314 0.48 1.66 21.13
CA VAL A 314 0.61 0.60 22.12
C VAL A 314 0.55 -0.78 21.47
N ALA A 315 -0.01 -0.88 20.26
CA ALA A 315 0.03 -2.14 19.54
C ALA A 315 1.40 -2.40 18.94
N ASN A 316 2.07 -1.35 18.47
CA ASN A 316 3.44 -1.50 17.98
C ASN A 316 4.42 -1.76 19.10
N SER A 317 4.13 -1.27 20.32
CA SER A 317 4.97 -1.61 21.47
C SER A 317 4.90 -3.10 21.77
N LEU A 318 3.71 -3.69 21.68
CA LEU A 318 3.58 -5.13 21.84
C LEU A 318 4.25 -5.89 20.70
N ARG A 319 4.41 -5.26 19.54
CA ARG A 319 5.15 -5.90 18.46
C ARG A 319 6.64 -5.98 18.77
N LEU A 320 7.14 -5.11 19.64
CA LEU A 320 8.53 -5.19 20.05
C LEU A 320 8.82 -6.45 20.85
N LEU A 321 7.79 -7.14 21.34
CA LEU A 321 7.97 -8.42 21.99
C LEU A 321 8.29 -9.54 21.00
N PHE A 322 8.19 -9.27 19.70
CA PHE A 322 8.65 -10.22 18.70
C PHE A 322 10.16 -10.34 18.66
N ILE A 323 10.88 -9.29 19.06
CA ILE A 323 12.34 -9.33 19.02
C ILE A 323 12.90 -10.43 19.92
N PRO A 324 12.50 -10.56 21.18
CA PRO A 324 12.99 -11.72 21.96
C PRO A 324 12.59 -13.05 21.36
N TRP A 325 11.38 -13.15 20.81
CA TRP A 325 10.92 -14.42 20.26
C TRP A 325 11.75 -14.83 19.05
N PHE A 326 12.08 -13.88 18.18
CA PHE A 326 12.91 -14.21 17.02
C PHE A 326 14.33 -14.55 17.44
N ILE A 327 14.86 -13.84 18.43
CA ILE A 327 16.21 -14.14 18.92
C ILE A 327 16.22 -15.47 19.66
N LEU A 328 15.19 -15.72 20.47
CA LEU A 328 15.14 -16.97 21.23
C LEU A 328 15.06 -18.18 20.31
N ASN A 329 14.43 -18.02 19.15
CA ASN A 329 14.33 -19.12 18.19
C ASN A 329 15.68 -19.50 17.59
N ALA A 330 16.69 -18.63 17.69
CA ALA A 330 18.00 -18.90 17.13
C ALA A 330 19.08 -18.99 18.20
N CYS A 331 18.69 -19.27 19.45
CA CYS A 331 19.66 -19.35 20.54
C CYS A 331 19.48 -20.55 21.46
N VAL A 332 18.34 -21.23 21.44
CA VAL A 332 18.06 -22.34 22.35
C VAL A 332 17.87 -23.60 21.53
N ASP A 333 18.51 -24.69 21.95
CA ASP A 333 18.47 -25.97 21.26
C ASP A 333 17.32 -26.83 21.76
N HIS A 334 16.61 -26.40 22.79
CA HIS A 334 15.56 -27.20 23.38
C HIS A 334 14.44 -27.46 22.35
N PRO A 335 13.92 -28.70 22.31
CA PRO A 335 13.21 -29.16 21.09
C PRO A 335 12.01 -28.32 20.69
N PHE A 336 11.34 -27.62 21.61
CA PHE A 336 10.20 -26.81 21.23
C PHE A 336 10.60 -25.71 20.26
N PHE A 337 11.73 -25.06 20.50
CA PHE A 337 12.18 -24.00 19.60
C PHE A 337 12.64 -24.58 18.25
N LYS A 338 13.28 -25.76 18.28
CA LYS A 338 13.72 -26.43 17.07
C LYS A 338 12.55 -27.25 16.50
N ASN A 339 11.51 -26.53 16.11
CA ASN A 339 10.30 -27.14 15.56
C ASN A 339 9.86 -26.35 14.35
N ILE A 340 9.47 -27.06 13.28
CA ILE A 340 9.08 -26.39 12.05
C ILE A 340 7.76 -25.65 12.23
N VAL A 341 6.80 -26.28 12.92
CA VAL A 341 5.48 -25.66 13.07
C VAL A 341 5.58 -24.39 13.93
N GLN A 342 6.36 -24.44 15.01
CA GLN A 342 6.55 -23.24 15.83
C GLN A 342 7.25 -22.15 15.06
N GLN A 343 8.30 -22.51 14.31
CA GLN A 343 8.99 -21.52 13.48
C GLN A 343 8.05 -20.96 12.43
N CYS A 344 7.22 -21.81 11.82
CA CYS A 344 6.25 -21.34 10.85
C CYS A 344 5.22 -20.41 11.49
N VAL A 345 4.71 -20.79 12.66
CA VAL A 345 3.70 -19.98 13.33
C VAL A 345 4.28 -18.66 13.82
N CYS A 346 5.51 -18.70 14.34
CA CYS A 346 6.15 -17.48 14.83
C CYS A 346 6.31 -16.46 13.72
N MET A 347 6.66 -16.92 12.51
CA MET A 347 6.73 -16.02 11.37
C MET A 347 5.34 -15.64 10.88
N ALA A 348 4.37 -16.55 11.01
CA ALA A 348 3.00 -16.25 10.59
C ALA A 348 2.42 -15.10 11.39
N MET A 349 2.65 -15.08 12.70
CA MET A 349 2.13 -14.00 13.53
C MET A 349 2.75 -12.67 13.16
N LEU A 350 4.05 -12.64 12.88
CA LEU A 350 4.68 -11.40 12.41
C LEU A 350 4.13 -10.98 11.06
N ALA A 351 3.89 -11.94 10.17
CA ALA A 351 3.35 -11.61 8.86
C ALA A 351 1.97 -10.99 8.95
N PHE A 352 1.10 -11.53 9.81
CA PHE A 352 -0.25 -11.00 9.96
C PHE A 352 -0.23 -9.58 10.51
N THR A 353 0.59 -9.35 11.53
CA THR A 353 0.64 -8.03 12.15
C THR A 353 1.39 -7.01 11.32
N ASN A 354 2.03 -7.42 10.22
CA ASN A 354 2.72 -6.45 9.37
C ASN A 354 1.75 -5.73 8.44
N GLY A 355 1.06 -6.48 7.59
CA GLY A 355 0.12 -5.86 6.67
C GLY A 355 -1.07 -5.23 7.37
N TRP A 356 -1.58 -5.90 8.41
CA TRP A 356 -2.72 -5.36 9.15
C TRP A 356 -2.37 -4.03 9.80
N PHE A 357 -1.13 -3.86 10.25
CA PHE A 357 -0.69 -2.60 10.83
C PHE A 357 -0.12 -1.64 9.79
N ASN A 358 -0.12 -2.02 8.51
CA ASN A 358 0.34 -1.15 7.45
C ASN A 358 -0.80 -0.46 6.71
N THR A 359 -2.02 -1.00 6.79
CA THR A 359 -3.18 -0.36 6.19
C THR A 359 -4.02 0.41 7.18
N VAL A 360 -3.94 0.08 8.46
CA VAL A 360 -4.70 0.82 9.47
C VAL A 360 -4.32 2.29 9.50
N PRO A 361 -3.05 2.70 9.51
CA PRO A 361 -2.75 4.14 9.54
C PRO A 361 -3.27 4.88 8.33
N PHE A 362 -3.46 4.22 7.19
CA PHE A 362 -4.04 4.89 6.04
C PHE A 362 -5.54 5.11 6.22
N LEU A 363 -6.22 4.23 6.94
CA LEU A 363 -7.67 4.28 7.03
C LEU A 363 -8.17 5.10 8.21
N VAL A 364 -7.36 5.34 9.23
CA VAL A 364 -7.80 6.01 10.44
C VAL A 364 -7.13 7.35 10.67
N PHE A 365 -6.12 7.72 9.87
CA PHE A 365 -5.44 8.98 10.12
C PHE A 365 -6.31 10.18 9.81
N VAL A 366 -7.31 10.04 8.93
CA VAL A 366 -8.22 11.14 8.64
C VAL A 366 -9.11 11.43 9.85
N LYS A 367 -9.45 10.41 10.63
CA LYS A 367 -10.26 10.63 11.82
C LYS A 367 -9.53 11.50 12.83
N GLU A 368 -8.23 11.31 12.99
CA GLU A 368 -7.45 12.04 13.98
C GLU A 368 -7.06 13.43 13.52
N LEU A 369 -7.29 13.78 12.26
CA LEU A 369 -6.90 15.10 11.76
C LEU A 369 -7.74 16.19 12.43
N LYS A 370 -7.08 17.27 12.82
CA LYS A 370 -7.72 18.39 13.49
C LYS A 370 -7.71 19.66 12.68
N LYS A 371 -6.54 20.08 12.17
CA LYS A 371 -6.43 21.33 11.43
C LYS A 371 -6.24 21.15 9.93
N ALA A 372 -5.88 19.96 9.47
CA ALA A 372 -5.76 19.69 8.04
C ALA A 372 -7.11 19.22 7.54
N LYS A 373 -7.90 20.16 7.03
CA LYS A 373 -9.27 19.89 6.61
C LYS A 373 -9.48 19.91 5.10
N LYS A 374 -8.66 20.67 4.36
CA LYS A 374 -8.82 20.74 2.92
C LYS A 374 -8.50 19.41 2.27
N LYS A 375 -9.12 19.17 1.11
CA LYS A 375 -8.88 17.93 0.39
C LYS A 375 -7.43 17.83 -0.09
N LYS A 376 -6.79 18.98 -0.34
CA LYS A 376 -5.42 18.97 -0.82
C LYS A 376 -4.44 18.50 0.25
N GLU A 377 -4.68 18.87 1.51
CA GLU A 377 -3.79 18.43 2.59
C GLU A 377 -3.93 16.95 2.89
N ILE A 378 -5.09 16.35 2.62
CA ILE A 378 -5.23 14.91 2.82
C ILE A 378 -4.27 14.15 1.93
N GLU A 379 -4.15 14.57 0.67
CA GLU A 379 -3.22 13.92 -0.25
C GLU A 379 -1.78 14.22 0.11
N ILE A 380 -1.50 15.43 0.58
CA ILE A 380 -0.13 15.78 0.98
C ILE A 380 0.31 14.95 2.18
N ILE A 381 -0.58 14.79 3.17
CA ILE A 381 -0.24 14.00 4.34
C ILE A 381 -0.02 12.54 3.96
N SER A 382 -0.85 12.02 3.05
CA SER A 382 -0.68 10.65 2.60
C SER A 382 0.68 10.45 1.93
N THR A 383 1.24 11.50 1.34
CA THR A 383 2.59 11.41 0.80
C THR A 383 3.60 11.23 1.92
N PHE A 384 3.39 11.88 3.07
CA PHE A 384 4.28 11.68 4.21
C PHE A 384 4.22 10.24 4.70
N LEU A 385 3.03 9.63 4.65
CA LEU A 385 2.87 8.27 5.17
C LEU A 385 3.67 7.26 4.35
N VAL A 386 3.53 7.32 3.02
CA VAL A 386 4.27 6.37 2.19
C VAL A 386 5.77 6.61 2.28
N ILE A 387 6.18 7.88 2.41
CA ILE A 387 7.58 8.18 2.65
C ILE A 387 8.04 7.57 3.98
N ALA A 388 7.19 7.66 5.01
CA ALA A 388 7.55 7.11 6.30
C ALA A 388 7.70 5.60 6.25
N MET A 389 7.01 4.93 5.32
CA MET A 389 7.17 3.48 5.18
C MET A 389 8.50 3.14 4.53
N PHE A 390 8.87 3.85 3.46
CA PHE A 390 10.10 3.54 2.75
C PHE A 390 11.32 3.79 3.62
N VAL A 391 11.26 4.82 4.47
CA VAL A 391 12.30 4.98 5.49
C VAL A 391 12.28 3.81 6.45
N GLY A 392 11.09 3.30 6.78
CA GLY A 392 11.00 2.12 7.63
C GLY A 392 11.62 0.90 6.98
N LEU A 393 11.35 0.68 5.70
CA LEU A 393 12.00 -0.41 4.99
C LEU A 393 13.49 -0.20 4.88
N PHE A 394 13.91 1.04 4.57
CA PHE A 394 15.34 1.31 4.46
C PHE A 394 16.04 1.16 5.79
N CYS A 395 15.45 1.69 6.86
CA CYS A 395 16.02 1.51 8.19
C CYS A 395 15.81 0.10 8.72
N GLY A 396 14.80 -0.61 8.23
CA GLY A 396 14.56 -1.96 8.72
C GLY A 396 15.68 -2.93 8.36
N ILE A 397 16.13 -2.89 7.11
CA ILE A 397 17.12 -3.86 6.66
C ILE A 397 18.47 -3.64 7.33
N TRP A 398 18.86 -2.39 7.50
CA TRP A 398 20.23 -2.10 7.95
C TRP A 398 20.42 -2.38 9.44
N THR A 399 19.37 -2.23 10.25
CA THR A 399 19.51 -2.56 11.67
C THR A 399 19.53 -4.05 11.92
N THR A 400 19.29 -4.88 10.91
CA THR A 400 19.49 -6.32 11.07
C THR A 400 20.94 -6.62 11.42
N TYR A 401 21.87 -5.80 10.96
CA TYR A 401 23.28 -5.99 11.27
C TYR A 401 23.61 -5.74 12.74
N ILE A 402 22.69 -5.14 13.50
CA ILE A 402 22.92 -4.96 14.92
C ILE A 402 23.07 -6.31 15.61
N TYR A 403 22.27 -7.29 15.20
CA TYR A 403 22.33 -8.61 15.80
C TYR A 403 23.61 -9.36 15.43
N ASN A 404 24.34 -8.90 14.41
CA ASN A 404 25.62 -9.52 14.08
C ASN A 404 26.62 -9.37 15.23
N LEU A 405 26.52 -8.28 15.99
CA LEU A 405 27.39 -8.11 17.15
C LEU A 405 27.11 -9.18 18.21
N PHE A 406 25.83 -9.49 18.43
CA PHE A 406 25.48 -10.52 19.40
C PHE A 406 25.90 -11.90 18.90
N ASN A 407 26.24 -12.77 19.85
CA ASN A 407 26.58 -14.15 19.53
C ASN A 407 25.33 -15.02 19.50
N ILE A 408 24.42 -14.64 18.59
CA ILE A 408 23.12 -15.31 18.51
C ILE A 408 23.28 -16.73 17.97
N VAL A 409 24.07 -16.90 16.91
CA VAL A 409 24.12 -18.17 16.20
C VAL A 409 24.79 -19.22 17.07
N LEU A 410 24.18 -20.40 17.15
CA LEU A 410 24.72 -21.49 17.95
C LEU A 410 26.02 -22.02 17.33
N PRO A 411 26.89 -22.61 18.15
CA PRO A 411 28.10 -23.23 17.60
C PRO A 411 27.76 -24.38 16.66
N LYS A 412 28.62 -24.58 15.66
CA LYS A 412 28.37 -25.61 14.66
C LYS A 412 28.29 -27.01 15.25
N PRO A 413 29.22 -27.47 16.11
CA PRO A 413 29.03 -28.83 16.62
C PRO A 413 28.02 -28.89 17.75
N GLN B 1 -21.72 -0.28 -7.14
CA GLN B 1 -21.46 1.14 -7.32
C GLN B 1 -21.76 1.91 -6.03
N LEU B 2 -21.57 3.22 -6.08
CA LEU B 2 -21.88 4.11 -4.96
C LEU B 2 -22.92 5.12 -5.42
N GLN B 3 -24.01 5.23 -4.67
CA GLN B 3 -25.13 6.10 -5.01
C GLN B 3 -25.34 7.14 -3.93
N LEU B 4 -25.67 8.35 -4.35
CA LEU B 4 -25.93 9.46 -3.44
C LEU B 4 -27.32 10.02 -3.73
N VAL B 5 -28.08 10.27 -2.68
CA VAL B 5 -29.44 10.81 -2.80
C VAL B 5 -29.51 12.16 -2.10
N GLU B 6 -29.98 13.16 -2.83
CA GLU B 6 -30.06 14.52 -2.31
C GLU B 6 -31.49 15.04 -2.44
N SER B 7 -31.92 15.81 -1.45
CA SER B 7 -33.27 16.36 -1.45
C SER B 7 -33.30 17.61 -0.57
N GLY B 8 -34.14 18.57 -0.96
CA GLY B 8 -34.30 19.77 -0.17
C GLY B 8 -34.25 21.06 -0.98
N GLY B 9 -33.78 20.97 -2.23
CA GLY B 9 -33.69 22.15 -3.06
C GLY B 9 -35.05 22.66 -3.50
N GLY B 10 -35.10 23.93 -3.86
CA GLY B 10 -36.32 24.53 -4.32
C GLY B 10 -36.19 26.04 -4.42
N LEU B 11 -37.31 26.69 -4.71
CA LEU B 11 -37.38 28.13 -4.84
C LEU B 11 -38.02 28.73 -3.59
N VAL B 12 -37.24 29.53 -2.86
CA VAL B 12 -37.72 30.18 -1.65
C VAL B 12 -37.31 31.65 -1.67
N GLN B 13 -37.95 32.43 -0.81
CA GLN B 13 -37.66 33.84 -0.71
C GLN B 13 -36.28 34.06 -0.08
N ALA B 14 -35.78 35.29 -0.24
CA ALA B 14 -34.49 35.64 0.34
C ALA B 14 -34.55 35.59 1.87
N GLY B 15 -33.48 35.11 2.48
CA GLY B 15 -33.44 34.98 3.92
C GLY B 15 -34.12 33.75 4.48
N GLY B 16 -34.43 32.77 3.65
CA GLY B 16 -35.08 31.55 4.10
C GLY B 16 -34.09 30.57 4.71
N SER B 17 -34.54 29.32 4.83
CA SER B 17 -33.72 28.27 5.40
C SER B 17 -34.14 26.92 4.83
N LEU B 18 -33.16 26.15 4.35
CA LEU B 18 -33.41 24.85 3.79
C LEU B 18 -32.45 23.82 4.40
N ARG B 19 -32.88 22.56 4.35
CA ARG B 19 -32.14 21.45 4.93
C ARG B 19 -31.89 20.44 3.82
N LEU B 20 -30.62 20.21 3.49
CA LEU B 20 -30.23 19.32 2.42
C LEU B 20 -29.68 18.03 2.99
N SER B 21 -30.22 16.90 2.54
CA SER B 21 -29.86 15.59 3.06
C SER B 21 -29.15 14.79 1.97
N CYS B 22 -27.97 14.29 2.30
CA CYS B 22 -27.20 13.44 1.38
C CYS B 22 -26.86 12.14 2.09
N ALA B 23 -27.11 11.02 1.42
CA ALA B 23 -26.87 9.70 1.99
C ALA B 23 -26.13 8.83 0.99
N ALA B 24 -25.32 7.91 1.51
CA ALA B 24 -24.55 6.98 0.71
C ALA B 24 -24.96 5.54 1.05
N SER B 25 -24.96 4.68 0.03
CA SER B 25 -25.39 3.30 0.19
C SER B 25 -24.29 2.30 -0.09
N GLY B 26 -23.58 2.43 -1.22
CA GLY B 26 -22.57 1.46 -1.60
C GLY B 26 -21.42 1.34 -0.63
N SER B 27 -20.60 2.37 -0.53
CA SER B 27 -19.48 2.37 0.41
C SER B 27 -19.98 2.78 1.79
N THR B 28 -19.73 1.94 2.78
CA THR B 28 -20.26 2.17 4.13
C THR B 28 -19.26 2.91 5.01
N SER B 29 -18.07 2.35 5.21
CA SER B 29 -17.13 2.86 6.20
C SER B 29 -15.88 3.49 5.61
N ASN B 30 -15.63 3.35 4.31
CA ASN B 30 -14.42 3.90 3.72
C ASN B 30 -14.53 5.38 3.42
N ILE B 31 -15.70 5.98 3.60
CA ILE B 31 -15.86 7.41 3.38
C ILE B 31 -15.11 8.18 4.44
N ASN B 32 -14.30 9.16 4.01
CA ASN B 32 -13.49 9.96 4.93
C ASN B 32 -14.08 11.34 5.17
N VAL B 33 -14.34 12.11 4.11
CA VAL B 33 -14.94 13.42 4.24
C VAL B 33 -16.03 13.59 3.19
N MET B 34 -17.22 13.98 3.63
CA MET B 34 -18.33 14.32 2.75
C MET B 34 -18.53 15.82 2.75
N GLY B 35 -18.99 16.35 1.62
CA GLY B 35 -19.15 17.79 1.50
C GLY B 35 -20.16 18.13 0.44
N TRP B 36 -20.39 19.44 0.29
CA TRP B 36 -21.30 19.98 -0.71
C TRP B 36 -20.56 20.95 -1.60
N TYR B 37 -20.82 20.86 -2.91
CA TYR B 37 -20.20 21.73 -3.89
C TYR B 37 -21.30 22.40 -4.69
N ARG B 38 -21.13 23.70 -4.95
CA ARG B 38 -22.09 24.47 -5.72
C ARG B 38 -21.49 24.86 -7.07
N GLN B 39 -22.35 24.89 -8.08
CA GLN B 39 -21.96 25.25 -9.44
C GLN B 39 -23.00 26.22 -10.00
N ALA B 40 -22.66 27.51 -10.01
CA ALA B 40 -23.55 28.51 -10.57
C ALA B 40 -23.65 28.33 -12.09
N PRO B 41 -24.80 28.65 -12.67
CA PRO B 41 -24.92 28.58 -14.14
C PRO B 41 -23.90 29.50 -14.81
N GLY B 42 -23.27 28.98 -15.85
CA GLY B 42 -22.19 29.73 -16.50
C GLY B 42 -21.02 30.00 -15.58
N LYS B 43 -20.68 29.03 -14.73
CA LYS B 43 -19.62 29.21 -13.74
C LYS B 43 -19.06 27.84 -13.39
N GLN B 44 -17.85 27.84 -12.83
CA GLN B 44 -17.19 26.59 -12.48
C GLN B 44 -17.59 26.14 -11.07
N ARG B 45 -17.20 24.92 -10.73
CA ARG B 45 -17.55 24.32 -9.45
C ARG B 45 -16.78 25.00 -8.32
N GLU B 46 -17.44 25.08 -7.15
CA GLU B 46 -16.84 25.71 -5.98
C GLU B 46 -17.26 24.94 -4.74
N LEU B 47 -16.48 25.08 -3.68
CA LEU B 47 -16.69 24.38 -2.42
C LEU B 47 -17.64 25.18 -1.52
N VAL B 48 -18.49 24.46 -0.80
CA VAL B 48 -19.43 25.08 0.11
C VAL B 48 -19.08 24.72 1.56
N ALA B 49 -19.12 23.43 1.87
CA ALA B 49 -18.84 22.97 3.24
C ALA B 49 -18.61 21.47 3.27
N THR B 50 -17.54 21.03 3.95
CA THR B 50 -17.22 19.62 4.09
C THR B 50 -17.02 19.26 5.55
N ILE B 51 -17.48 18.07 5.93
CA ILE B 51 -17.28 17.53 7.26
C ILE B 51 -16.52 16.21 7.13
N SER B 52 -15.42 16.09 7.86
CA SER B 52 -14.60 14.89 7.77
C SER B 52 -15.16 13.79 8.68
N SER B 53 -14.45 12.67 8.74
CA SER B 53 -14.88 11.56 9.60
C SER B 53 -14.60 11.86 11.07
N GLY B 54 -13.59 12.69 11.35
CA GLY B 54 -13.23 13.00 12.72
C GLY B 54 -13.80 14.31 13.20
N ASP B 55 -14.93 14.72 12.60
CA ASP B 55 -15.62 15.97 12.94
C ASP B 55 -14.66 17.15 12.74
N ALA B 56 -14.29 17.33 11.48
CA ALA B 56 -13.51 18.48 11.04
C ALA B 56 -14.38 19.30 10.10
N LEU B 57 -14.54 20.58 10.41
CA LEU B 57 -15.50 21.44 9.73
C LEU B 57 -14.77 22.40 8.81
N ASN B 58 -15.11 22.37 7.52
CA ASN B 58 -14.56 23.27 6.54
C ASN B 58 -15.68 24.08 5.91
N TYR B 59 -15.36 25.30 5.49
CA TYR B 59 -16.35 26.18 4.90
C TYR B 59 -15.69 27.07 3.86
N ALA B 60 -16.51 27.58 2.95
CA ALA B 60 -16.07 28.64 2.05
C ALA B 60 -16.06 29.97 2.79
N ASN B 61 -15.18 30.87 2.34
CA ASN B 61 -15.05 32.15 3.00
C ASN B 61 -16.28 33.03 2.87
N SER B 62 -17.14 32.75 1.89
CA SER B 62 -18.34 33.54 1.66
C SER B 62 -19.57 32.97 2.35
N VAL B 63 -19.46 31.85 3.04
CA VAL B 63 -20.58 31.21 3.73
C VAL B 63 -20.31 31.01 5.21
N GLU B 64 -19.22 31.59 5.73
CA GLU B 64 -18.90 31.44 7.14
C GLU B 64 -19.96 32.12 8.00
N GLY B 65 -20.42 31.42 9.03
CA GLY B 65 -21.42 31.94 9.94
C GLY B 65 -22.84 31.88 9.44
N ARG B 66 -23.08 31.34 8.25
CA ARG B 66 -24.41 31.22 7.69
C ARG B 66 -24.85 29.79 7.43
N PHE B 67 -23.93 28.91 7.06
CA PHE B 67 -24.25 27.52 6.76
C PHE B 67 -23.74 26.64 7.89
N THR B 68 -24.59 25.72 8.36
CA THR B 68 -24.22 24.73 9.35
C THR B 68 -24.43 23.35 8.75
N ILE B 69 -23.38 22.52 8.79
CA ILE B 69 -23.41 21.19 8.20
C ILE B 69 -23.14 20.18 9.31
N SER B 70 -24.01 19.19 9.43
CA SER B 70 -23.91 18.17 10.46
C SER B 70 -23.97 16.79 9.83
N ARG B 71 -23.39 15.82 10.52
CA ARG B 71 -23.29 14.45 10.03
C ARG B 71 -23.95 13.50 11.02
N ASP B 72 -24.39 12.35 10.49
CA ASP B 72 -24.98 11.28 11.28
C ASP B 72 -24.31 9.98 10.84
N ALA B 73 -23.26 9.58 11.56
CA ALA B 73 -22.49 8.40 11.17
C ALA B 73 -23.27 7.11 11.30
N ALA B 74 -24.41 7.13 12.00
CA ALA B 74 -25.19 5.91 12.18
C ALA B 74 -25.70 5.38 10.84
N LYS B 75 -26.18 6.28 9.97
CA LYS B 75 -26.69 5.89 8.66
C LYS B 75 -25.90 6.50 7.52
N ASN B 76 -24.72 7.07 7.79
CA ASN B 76 -23.86 7.66 6.77
C ASN B 76 -24.60 8.74 5.96
N THR B 77 -25.25 9.65 6.69
CA THR B 77 -25.98 10.75 6.07
C THR B 77 -25.44 12.06 6.61
N VAL B 78 -25.24 13.02 5.71
CA VAL B 78 -24.72 14.34 6.03
C VAL B 78 -25.78 15.38 5.67
N TYR B 79 -26.10 16.25 6.60
CA TYR B 79 -27.11 17.27 6.40
C TYR B 79 -26.48 18.65 6.47
N LEU B 80 -26.94 19.55 5.59
CA LEU B 80 -26.47 20.92 5.54
C LEU B 80 -27.64 21.87 5.76
N GLN B 81 -27.49 22.77 6.73
CA GLN B 81 -28.49 23.79 7.02
C GLN B 81 -27.98 25.13 6.49
N MET B 82 -28.79 25.77 5.65
CA MET B 82 -28.47 27.08 5.10
C MET B 82 -29.39 28.12 5.73
N ASN B 83 -28.79 29.19 6.23
CA ASN B 83 -29.53 30.25 6.91
C ASN B 83 -29.29 31.57 6.22
N SER B 84 -30.34 32.38 6.11
CA SER B 84 -30.29 33.70 5.49
C SER B 84 -29.78 33.60 4.05
N LEU B 85 -30.54 32.90 3.21
CA LEU B 85 -30.17 32.72 1.82
C LEU B 85 -30.22 34.04 1.07
N LYS B 86 -29.32 34.18 0.10
CA LYS B 86 -29.18 35.40 -0.67
C LYS B 86 -29.13 35.06 -2.15
N PRO B 87 -29.51 36.01 -3.03
CA PRO B 87 -29.65 35.68 -4.46
C PRO B 87 -28.40 35.12 -5.11
N GLU B 88 -27.20 35.57 -4.70
CA GLU B 88 -25.99 35.08 -5.33
C GLU B 88 -25.69 33.62 -5.01
N ASP B 89 -26.39 33.01 -4.06
CA ASP B 89 -26.22 31.59 -3.77
C ASP B 89 -27.08 30.69 -4.65
N SER B 90 -27.82 31.26 -5.59
CA SER B 90 -28.65 30.46 -6.50
C SER B 90 -27.75 29.64 -7.41
N ALA B 91 -27.71 28.33 -7.18
CA ALA B 91 -26.90 27.42 -7.96
C ALA B 91 -27.44 26.01 -7.75
N VAL B 92 -26.68 25.01 -8.21
CA VAL B 92 -27.01 23.61 -7.99
C VAL B 92 -25.96 23.04 -7.05
N TYR B 93 -26.42 22.48 -5.94
CA TYR B 93 -25.54 21.92 -4.91
C TYR B 93 -25.49 20.41 -5.07
N ILE B 94 -24.29 19.87 -5.28
CA ILE B 94 -24.10 18.45 -5.51
C ILE B 94 -23.30 17.87 -4.35
N CYS B 95 -23.84 16.85 -3.72
CA CYS B 95 -23.14 16.18 -2.63
C CYS B 95 -21.89 15.48 -3.17
N ASN B 96 -20.86 15.40 -2.33
CA ASN B 96 -19.60 14.81 -2.72
C ASN B 96 -19.10 13.88 -1.61
N ALA B 97 -18.42 12.82 -2.02
CA ALA B 97 -17.83 11.86 -1.10
C ALA B 97 -16.36 11.69 -1.42
N TYR B 98 -15.60 11.22 -0.43
CA TYR B 98 -14.15 11.07 -0.54
C TYR B 98 -13.77 9.72 0.03
N VAL B 99 -13.63 8.72 -0.83
CA VAL B 99 -13.41 7.34 -0.42
C VAL B 99 -11.94 6.99 -0.62
N VAL B 100 -11.34 6.36 0.38
CA VAL B 100 -9.94 5.95 0.34
C VAL B 100 -9.87 4.48 -0.04
N SER B 101 -9.06 4.17 -1.05
CA SER B 101 -8.80 2.80 -1.49
C SER B 101 -7.33 2.51 -1.18
N SER B 102 -7.08 1.86 -0.05
CA SER B 102 -5.73 1.76 0.51
C SER B 102 -5.43 0.32 0.94
N TYR B 103 -5.51 -0.64 0.00
CA TYR B 103 -5.33 -2.09 0.32
C TYR B 103 -3.93 -2.33 0.87
N GLY B 104 -3.10 -1.31 0.86
CA GLY B 104 -1.79 -1.41 1.47
C GLY B 104 -0.79 -0.59 0.69
N TYR B 105 0.20 -0.06 1.42
CA TYR B 105 1.41 0.58 0.87
C TYR B 105 1.11 1.61 -0.23
N ARG B 106 -0.13 2.08 -0.32
CA ARG B 106 -0.47 3.18 -1.21
C ARG B 106 -1.90 3.64 -0.93
N ALA B 107 -2.10 4.94 -0.77
CA ALA B 107 -3.43 5.49 -0.51
C ALA B 107 -3.90 6.27 -1.72
N SER B 108 -5.07 5.89 -2.24
CA SER B 108 -5.69 6.56 -3.37
C SER B 108 -7.10 6.99 -2.99
N TRP B 109 -7.50 8.15 -3.48
CA TRP B 109 -8.78 8.75 -3.11
C TRP B 109 -9.66 8.90 -4.34
N ASN B 110 -10.96 8.81 -4.13
CA ASN B 110 -11.95 8.91 -5.20
C ASN B 110 -12.99 9.94 -4.81
N ASP B 111 -13.58 10.58 -5.83
CA ASP B 111 -14.66 11.53 -5.64
C ASP B 111 -15.93 10.95 -6.25
N TYR B 112 -16.98 10.88 -5.45
CA TYR B 112 -18.28 10.41 -5.90
C TYR B 112 -19.27 11.56 -5.80
N TRP B 113 -19.92 11.88 -6.92
CA TRP B 113 -20.82 13.01 -7.00
C TRP B 113 -22.24 12.54 -7.28
N GLY B 114 -23.20 13.11 -6.55
CA GLY B 114 -24.60 12.88 -6.83
C GLY B 114 -25.11 13.79 -7.92
N GLN B 115 -26.39 13.58 -8.26
CA GLN B 115 -27.00 14.42 -9.29
C GLN B 115 -27.19 15.85 -8.81
N GLY B 116 -27.49 16.04 -7.54
CA GLY B 116 -27.64 17.38 -6.97
C GLY B 116 -29.02 17.96 -7.19
N THR B 117 -29.32 18.98 -6.39
CA THR B 117 -30.59 19.68 -6.45
C THR B 117 -30.36 21.13 -6.85
N GLN B 118 -31.32 21.69 -7.58
CA GLN B 118 -31.24 23.07 -8.02
C GLN B 118 -31.90 23.97 -6.98
N VAL B 119 -31.13 24.92 -6.44
CA VAL B 119 -31.61 25.87 -5.44
C VAL B 119 -31.57 27.25 -6.04
N THR B 120 -32.74 27.89 -6.15
CA THR B 120 -32.86 29.25 -6.64
C THR B 120 -33.60 30.09 -5.61
N VAL B 121 -33.11 31.32 -5.40
CA VAL B 121 -33.74 32.27 -4.50
C VAL B 121 -33.88 33.59 -5.24
N SER B 122 -35.05 34.20 -5.15
CA SER B 122 -35.32 35.45 -5.84
C SER B 122 -36.33 36.26 -5.03
N SER B 123 -36.90 37.29 -5.66
CA SER B 123 -37.90 38.16 -5.04
C SER B 123 -37.36 38.83 -3.77
#